data_6UYC
#
_entry.id   6UYC
#
_cell.length_a   123.422
_cell.length_b   61.249
_cell.length_c   80.206
_cell.angle_alpha   90.000
_cell.angle_beta   117.260
_cell.angle_gamma   90.000
#
_symmetry.space_group_name_H-M   'C 1 2 1'
#
loop_
_entity.id
_entity.type
_entity.pdbx_description
1 polymer 'Transcriptional enhancer factor TEF-4'
2 non-polymer N-{5-[(E)-2-(4,4-difluorocyclohexyl)ethenyl]-6-methoxypyridin-3-yl}methanesulfonamide
3 non-polymer 2-AMINO-2-HYDROXYMETHYL-PROPANE-1,3-DIOL
4 water water
#
_entity_poly.entity_id   1
_entity_poly.type   'polypeptide(L)'
_entity_poly.pdbx_seq_one_letter_code
;GSAWQARGLGTARLQLVEFSAFVEPPDAVDSYQRHLFVHISQHCPSPGAPPLESVDVRQIYDKFPEKKGGLRELYDRGPP
HAFFLVKFWADLNWGPSGEEAGAGGSISSGGFYGVSSQYESLEHMTLTCSSKVCSFGKQVVEKVETERAQLEDGRFVYRL
LRSPMCEYLVNFLHKLRQLPERYMMNSVLENFTILQVVTNRDTQELLLCTAYVFEVSTSERGAQHHIYRLVRDGNS
;
_entity_poly.pdbx_strand_id   A,B
#
# COMPACT_ATOMS: atom_id res chain seq x y z
N ALA A 3 -2.30 22.88 -26.63
CA ALA A 3 -2.35 24.12 -25.87
C ALA A 3 -2.44 23.84 -24.38
N TRP A 4 -3.41 23.00 -24.00
CA TRP A 4 -3.58 22.55 -22.63
C TRP A 4 -3.27 21.07 -22.48
N GLN A 5 -2.66 20.46 -23.51
CA GLN A 5 -2.29 19.06 -23.47
C GLN A 5 -0.88 18.93 -22.90
N ALA A 6 -0.71 17.94 -22.02
CA ALA A 6 0.53 17.80 -21.27
C ALA A 6 1.72 17.55 -22.19
N ARG A 7 2.87 18.11 -21.82
CA ARG A 7 4.14 17.85 -22.46
C ARG A 7 4.97 16.81 -21.74
N GLY A 8 4.62 16.51 -20.48
CA GLY A 8 5.28 15.47 -19.72
C GLY A 8 4.27 14.84 -18.79
N LEU A 9 4.74 13.91 -17.97
CA LEU A 9 3.86 13.20 -17.04
C LEU A 9 3.58 14.12 -15.86
N GLY A 10 2.38 14.68 -15.84
CA GLY A 10 1.98 15.52 -14.71
C GLY A 10 0.82 16.41 -15.11
N THR A 11 0.43 17.24 -14.16
CA THR A 11 -0.55 18.30 -14.37
C THR A 11 0.04 19.59 -13.83
N ALA A 12 -0.70 20.69 -14.01
CA ALA A 12 -0.26 21.96 -13.43
C ALA A 12 -0.25 21.89 -11.91
N ARG A 13 -0.99 20.97 -11.31
CA ARG A 13 -1.04 20.85 -9.85
C ARG A 13 0.03 19.93 -9.29
N LEU A 14 0.52 18.96 -10.07
CA LEU A 14 1.47 17.98 -9.55
C LEU A 14 2.22 17.36 -10.71
N GLN A 15 3.55 17.49 -10.72
CA GLN A 15 4.37 16.96 -11.78
C GLN A 15 5.28 15.87 -11.23
N LEU A 16 5.41 14.79 -12.00
CA LEU A 16 6.42 13.78 -11.68
C LEU A 16 7.80 14.34 -12.01
N VAL A 17 8.72 14.22 -11.06
CA VAL A 17 10.10 14.63 -11.27
C VAL A 17 10.96 13.44 -11.66
N GLU A 18 10.85 12.34 -10.91
CA GLU A 18 11.67 11.17 -11.18
C GLU A 18 10.96 9.94 -10.66
N PHE A 19 11.08 8.85 -11.40
CA PHE A 19 10.66 7.54 -10.92
C PHE A 19 11.69 6.51 -11.35
N SER A 20 12.06 5.62 -10.44
CA SER A 20 13.01 4.56 -10.78
CA SER A 20 13.05 4.57 -10.73
C SER A 20 12.72 3.33 -9.93
N ALA A 21 12.90 2.18 -10.55
CA ALA A 21 12.89 0.88 -9.88
C ALA A 21 14.24 0.25 -10.16
N PHE A 22 14.95 -0.14 -9.11
CA PHE A 22 16.37 -0.42 -9.26
C PHE A 22 16.79 -1.53 -8.32
N VAL A 23 18.02 -2.02 -8.54
CA VAL A 23 18.66 -2.95 -7.64
C VAL A 23 20.10 -2.50 -7.43
N GLU A 24 20.54 -2.47 -6.17
CA GLU A 24 21.93 -2.24 -5.85
C GLU A 24 22.54 -3.56 -5.41
N PRO A 25 23.55 -4.08 -6.10
CA PRO A 25 24.12 -5.37 -5.72
C PRO A 25 24.86 -5.27 -4.40
N PRO A 26 25.12 -6.39 -3.73
CA PRO A 26 25.75 -6.33 -2.40
C PRO A 26 27.11 -5.67 -2.38
N ASP A 27 27.87 -5.76 -3.47
CA ASP A 27 29.20 -5.15 -3.51
C ASP A 27 29.17 -3.65 -3.80
N ALA A 28 27.99 -3.03 -3.78
CA ALA A 28 27.91 -1.59 -4.00
C ALA A 28 28.46 -0.80 -2.83
N VAL A 29 28.67 -1.43 -1.67
CA VAL A 29 29.35 -0.75 -0.58
C VAL A 29 30.84 -0.61 -0.88
N ASP A 30 31.38 -1.51 -1.72
CA ASP A 30 32.79 -1.40 -2.10
C ASP A 30 32.97 -0.42 -3.25
N SER A 31 32.19 -0.60 -4.32
CA SER A 31 32.15 0.34 -5.44
C SER A 31 30.68 0.49 -5.82
N TYR A 32 30.14 1.70 -5.62
CA TYR A 32 28.70 1.88 -5.78
C TYR A 32 28.27 1.69 -7.23
N GLN A 33 27.16 0.99 -7.41
CA GLN A 33 26.51 0.84 -8.70
C GLN A 33 25.06 0.47 -8.46
N ARG A 34 24.20 0.83 -9.40
CA ARG A 34 22.80 0.45 -9.34
CA ARG A 34 22.80 0.44 -9.34
C ARG A 34 22.32 0.18 -10.76
N HIS A 35 21.45 -0.81 -10.88
CA HIS A 35 20.86 -1.17 -12.17
C HIS A 35 19.41 -0.70 -12.18
N LEU A 36 19.06 0.10 -13.18
CA LEU A 36 17.71 0.63 -13.32
C LEU A 36 16.90 -0.34 -14.17
N PHE A 37 15.90 -0.98 -13.56
CA PHE A 37 14.95 -1.77 -14.33
C PHE A 37 14.13 -0.86 -15.24
N VAL A 38 13.53 0.18 -14.66
CA VAL A 38 12.78 1.20 -15.39
C VAL A 38 13.11 2.54 -14.74
N HIS A 39 12.95 3.61 -15.51
CA HIS A 39 13.38 4.93 -15.06
C HIS A 39 12.70 6.01 -15.88
N ILE A 40 12.09 6.97 -15.20
CA ILE A 40 11.59 8.18 -15.83
C ILE A 40 12.24 9.38 -15.14
N SER A 41 12.83 10.27 -15.93
CA SER A 41 13.41 11.49 -15.42
C SER A 41 12.83 12.68 -16.17
N GLN A 42 12.31 13.66 -15.44
CA GLN A 42 11.75 14.87 -16.04
C GLN A 42 12.36 16.11 -15.40
N HIS A 43 13.66 16.05 -15.10
CA HIS A 43 14.36 17.20 -14.52
C HIS A 43 14.50 18.31 -15.56
N GLY A 48 9.86 24.38 -26.23
CA GLY A 48 10.22 23.29 -25.34
C GLY A 48 9.99 21.91 -25.94
N ALA A 49 8.74 21.61 -26.27
CA ALA A 49 8.35 20.28 -26.76
C ALA A 49 6.92 20.35 -27.27
N PRO A 50 6.49 19.38 -28.07
CA PRO A 50 5.09 19.31 -28.50
C PRO A 50 4.27 18.47 -27.53
N PRO A 51 2.95 18.37 -27.72
CA PRO A 51 2.16 17.55 -26.80
C PRO A 51 2.57 16.09 -26.84
N LEU A 52 2.34 15.40 -25.74
CA LEU A 52 2.51 13.95 -25.74
C LEU A 52 1.50 13.30 -26.68
N GLU A 53 1.88 12.15 -27.22
CA GLU A 53 0.94 11.38 -28.01
C GLU A 53 -0.17 10.85 -27.10
N SER A 54 -1.26 10.43 -27.70
CA SER A 54 -2.44 10.02 -26.95
C SER A 54 -2.82 8.59 -27.30
N VAL A 55 -3.46 7.93 -26.33
CA VAL A 55 -4.01 6.59 -26.48
C VAL A 55 -5.42 6.62 -25.92
N ASP A 56 -6.36 6.05 -26.68
CA ASP A 56 -7.73 6.01 -26.23
C ASP A 56 -7.86 5.04 -25.06
N VAL A 57 -8.37 5.54 -23.92
CA VAL A 57 -8.39 4.75 -22.69
C VAL A 57 -9.21 3.48 -22.85
N ARG A 58 -10.12 3.44 -23.82
CA ARG A 58 -10.96 2.24 -23.99
C ARG A 58 -10.11 1.03 -24.37
N GLN A 59 -9.03 1.25 -25.12
CA GLN A 59 -8.22 0.13 -25.60
C GLN A 59 -7.55 -0.60 -24.45
N ILE A 60 -7.13 0.12 -23.41
CA ILE A 60 -6.38 -0.49 -22.32
C ILE A 60 -7.31 -0.90 -21.19
N TYR A 61 -8.61 -0.79 -21.41
CA TYR A 61 -9.57 -1.14 -20.33
C TYR A 61 -9.43 -2.62 -19.97
N ASP A 62 -9.18 -3.47 -20.96
CA ASP A 62 -9.10 -4.90 -20.66
C ASP A 62 -7.89 -5.23 -19.77
N LYS A 63 -6.77 -4.54 -19.99
CA LYS A 63 -5.57 -4.77 -19.19
C LYS A 63 -5.78 -4.44 -17.71
N PHE A 64 -6.87 -3.79 -17.36
CA PHE A 64 -7.10 -3.33 -16.01
C PHE A 64 -8.47 -3.75 -15.53
N PRO A 65 -8.60 -4.16 -14.26
CA PRO A 65 -9.86 -4.74 -13.80
C PRO A 65 -10.94 -3.69 -13.59
N GLU A 66 -12.15 -4.03 -14.02
CA GLU A 66 -13.32 -3.28 -13.56
C GLU A 66 -13.52 -3.58 -12.09
N LYS A 67 -13.39 -2.56 -11.25
CA LYS A 67 -13.44 -2.71 -9.80
C LYS A 67 -13.47 -1.32 -9.19
N LYS A 68 -13.80 -1.27 -7.89
CA LYS A 68 -13.66 -0.02 -7.14
C LYS A 68 -12.19 0.37 -7.10
N GLY A 69 -11.90 1.58 -7.56
CA GLY A 69 -10.52 2.00 -7.76
C GLY A 69 -9.93 1.54 -9.07
N GLY A 70 -10.75 1.02 -9.98
CA GLY A 70 -10.26 0.60 -11.28
C GLY A 70 -10.18 1.75 -12.26
N LEU A 71 -9.52 1.49 -13.39
CA LEU A 71 -9.22 2.54 -14.35
C LEU A 71 -10.49 3.16 -14.91
N ARG A 72 -11.46 2.34 -15.30
CA ARG A 72 -12.70 2.85 -15.88
C ARG A 72 -13.43 3.76 -14.90
N GLU A 73 -13.61 3.29 -13.66
CA GLU A 73 -14.28 4.10 -12.66
C GLU A 73 -13.50 5.38 -12.37
N LEU A 74 -12.18 5.26 -12.20
CA LEU A 74 -11.34 6.42 -11.90
C LEU A 74 -11.41 7.45 -13.03
N TYR A 75 -11.32 6.99 -14.28
CA TYR A 75 -11.36 7.92 -15.40
C TYR A 75 -12.70 8.64 -15.46
N ASP A 76 -13.80 7.92 -15.18
CA ASP A 76 -15.11 8.55 -15.14
C ASP A 76 -15.21 9.59 -14.04
N ARG A 77 -14.58 9.36 -12.88
CA ARG A 77 -14.56 10.35 -11.82
C ARG A 77 -13.67 11.54 -12.14
N GLY A 78 -12.71 11.38 -13.06
CA GLY A 78 -11.88 12.48 -13.51
C GLY A 78 -10.89 12.94 -12.47
N PRO A 79 -10.12 14.01 -12.78
CA PRO A 79 -10.19 14.73 -14.06
C PRO A 79 -9.42 14.02 -15.17
N PRO A 80 -9.96 14.06 -16.39
CA PRO A 80 -9.35 13.27 -17.48
C PRO A 80 -7.90 13.64 -17.79
N HIS A 81 -7.51 14.90 -17.58
CA HIS A 81 -6.18 15.31 -17.97
C HIS A 81 -5.09 14.79 -17.03
N ALA A 82 -5.47 14.15 -15.93
CA ALA A 82 -4.51 13.62 -14.98
C ALA A 82 -4.12 12.19 -15.28
N PHE A 83 -4.58 11.61 -16.38
CA PHE A 83 -4.43 10.18 -16.66
C PHE A 83 -3.39 9.96 -17.75
N PHE A 84 -2.41 9.11 -17.46
CA PHE A 84 -1.33 8.82 -18.39
C PHE A 84 -1.14 7.32 -18.50
N LEU A 85 -0.61 6.90 -19.65
CA LEU A 85 -0.17 5.54 -19.88
C LEU A 85 1.32 5.58 -20.17
N VAL A 86 2.08 4.76 -19.46
CA VAL A 86 3.52 4.64 -19.67
C VAL A 86 3.81 3.25 -20.19
N LYS A 87 4.45 3.18 -21.36
CA LYS A 87 4.98 1.94 -21.90
C LYS A 87 6.47 1.86 -21.53
N PHE A 88 6.85 0.82 -20.82
CA PHE A 88 8.22 0.60 -20.36
C PHE A 88 8.85 -0.54 -21.15
N TRP A 89 10.08 -0.35 -21.60
CA TRP A 89 10.96 -1.47 -21.95
C TRP A 89 11.92 -1.67 -20.79
N ALA A 90 11.69 -2.72 -20.02
CA ALA A 90 12.44 -2.94 -18.80
C ALA A 90 13.79 -3.59 -19.10
N ASP A 91 14.82 -3.15 -18.38
CA ASP A 91 16.17 -3.68 -18.51
C ASP A 91 16.34 -4.79 -17.49
N LEU A 92 16.23 -6.04 -17.95
CA LEU A 92 16.35 -7.20 -17.08
C LEU A 92 17.69 -7.89 -17.22
N ASN A 93 18.69 -7.20 -17.72
CA ASN A 93 20.04 -7.73 -17.92
C ASN A 93 20.92 -7.09 -16.86
N TRP A 94 21.08 -7.79 -15.73
CA TRP A 94 21.93 -7.30 -14.65
C TRP A 94 22.62 -8.44 -13.90
N GLY A 110 21.72 -11.29 -3.21
CA GLY A 110 20.56 -10.71 -3.86
C GLY A 110 20.70 -9.23 -4.17
N GLY A 111 20.88 -8.43 -3.13
CA GLY A 111 20.97 -6.99 -3.24
C GLY A 111 19.71 -6.30 -2.74
N PHE A 112 19.75 -4.98 -2.76
CA PHE A 112 18.62 -4.17 -2.34
C PHE A 112 17.80 -3.77 -3.57
N TYR A 113 16.53 -4.19 -3.59
CA TYR A 113 15.60 -3.80 -4.64
C TYR A 113 14.74 -2.66 -4.10
N GLY A 114 14.74 -1.54 -4.81
CA GLY A 114 14.10 -0.34 -4.32
C GLY A 114 13.34 0.37 -5.41
N VAL A 115 12.46 1.27 -4.96
CA VAL A 115 11.66 2.13 -5.82
CA VAL A 115 11.71 2.15 -5.85
C VAL A 115 11.76 3.56 -5.27
N SER A 116 11.91 4.54 -6.15
CA SER A 116 12.02 5.93 -5.74
C SER A 116 11.09 6.78 -6.57
N SER A 117 10.32 7.64 -5.92
CA SER A 117 9.41 8.56 -6.56
C SER A 117 9.63 9.97 -6.02
N GLN A 118 9.51 10.96 -6.89
CA GLN A 118 9.59 12.36 -6.46
C GLN A 118 8.61 13.17 -7.30
N TYR A 119 7.85 14.04 -6.62
CA TYR A 119 6.87 14.90 -7.26
C TYR A 119 7.10 16.34 -6.83
N GLU A 120 6.50 17.26 -7.58
CA GLU A 120 6.57 18.69 -7.27
C GLU A 120 5.19 19.32 -7.46
N SER A 121 4.96 20.42 -6.73
CA SER A 121 3.74 21.19 -6.86
C SER A 121 3.99 22.59 -6.32
N LEU A 122 3.12 23.52 -6.72
CA LEU A 122 3.09 24.84 -6.09
C LEU A 122 2.21 24.87 -4.85
N GLU A 123 1.27 23.94 -4.75
CA GLU A 123 0.46 23.80 -3.55
C GLU A 123 1.21 22.99 -2.49
N HIS A 124 0.90 23.28 -1.23
CA HIS A 124 1.31 22.42 -0.12
C HIS A 124 0.20 21.40 0.11
N MET A 125 0.53 20.12 -0.06
CA MET A 125 -0.47 19.07 0.06
C MET A 125 0.14 17.92 0.85
N THR A 126 -0.73 17.01 1.28
CA THR A 126 -0.32 15.70 1.75
C THR A 126 -0.81 14.67 0.74
N LEU A 127 0.11 13.93 0.15
CA LEU A 127 -0.21 13.01 -0.93
C LEU A 127 -0.39 11.60 -0.39
N THR A 128 -1.32 10.86 -0.98
CA THR A 128 -1.43 9.42 -0.80
C THR A 128 -1.11 8.78 -2.15
N CYS A 129 -0.04 8.00 -2.20
CA CYS A 129 0.38 7.32 -3.42
CA CYS A 129 0.39 7.32 -3.41
C CYS A 129 0.10 5.83 -3.28
N SER A 130 -0.68 5.29 -4.20
CA SER A 130 -1.03 3.88 -4.22
C SER A 130 -0.48 3.25 -5.49
N SER A 131 0.18 2.10 -5.36
CA SER A 131 0.63 1.31 -6.50
C SER A 131 -0.10 -0.02 -6.48
N LYS A 132 -0.85 -0.30 -7.54
CA LYS A 132 -1.61 -1.55 -7.66
C LYS A 132 -0.96 -2.42 -8.72
N VAL A 133 -0.49 -3.59 -8.33
CA VAL A 133 0.06 -4.56 -9.27
C VAL A 133 -1.04 -5.55 -9.65
N CYS A 134 -1.22 -5.76 -10.96
CA CYS A 134 -2.24 -6.64 -11.50
C CYS A 134 -1.61 -7.71 -12.36
N SER A 135 -2.12 -8.94 -12.22
CA SER A 135 -1.70 -10.06 -13.06
C SER A 135 -2.95 -10.64 -13.71
N PHE A 136 -2.96 -10.69 -15.03
CA PHE A 136 -4.14 -11.09 -15.81
C PHE A 136 -5.33 -10.25 -15.38
N GLY A 137 -5.13 -8.95 -15.32
CA GLY A 137 -6.15 -8.02 -14.91
C GLY A 137 -6.46 -7.97 -13.44
N LYS A 138 -6.23 -9.04 -12.69
CA LYS A 138 -6.64 -9.11 -11.29
C LYS A 138 -5.56 -8.55 -10.38
N GLN A 139 -5.97 -7.72 -9.41
CA GLN A 139 -5.04 -7.12 -8.47
C GLN A 139 -4.41 -8.20 -7.61
N VAL A 140 -3.09 -8.17 -7.50
CA VAL A 140 -2.31 -9.14 -6.73
CA VAL A 140 -2.35 -9.15 -6.72
C VAL A 140 -1.76 -8.53 -5.45
N VAL A 141 -1.16 -7.35 -5.56
CA VAL A 141 -0.62 -6.64 -4.40
C VAL A 141 -0.89 -5.14 -4.55
N GLU A 142 -0.84 -4.43 -3.42
CA GLU A 142 -1.06 -2.99 -3.39
C GLU A 142 -0.20 -2.37 -2.29
N LYS A 143 0.48 -1.28 -2.62
CA LYS A 143 1.30 -0.52 -1.69
C LYS A 143 0.77 0.91 -1.61
N VAL A 144 0.50 1.39 -0.41
CA VAL A 144 -0.07 2.71 -0.19
C VAL A 144 0.82 3.47 0.79
N GLU A 145 1.28 4.66 0.38
CA GLU A 145 2.10 5.50 1.24
C GLU A 145 1.59 6.93 1.18
N THR A 146 1.82 7.66 2.27
CA THR A 146 1.51 9.08 2.32
C THR A 146 2.78 9.88 2.55
N GLU A 147 2.90 11.01 1.86
CA GLU A 147 4.06 11.87 1.96
C GLU A 147 3.62 13.32 2.11
N ARG A 148 4.13 13.99 3.13
CA ARG A 148 3.90 15.41 3.36
C ARG A 148 4.91 16.22 2.57
N ALA A 149 4.49 17.40 2.13
CA ALA A 149 5.34 18.26 1.33
C ALA A 149 6.52 18.80 2.12
N GLN A 150 7.57 19.18 1.39
CA GLN A 150 8.69 19.92 1.95
C GLN A 150 8.92 21.15 1.06
N LEU A 151 8.89 22.33 1.67
CA LEU A 151 8.96 23.59 0.93
C LEU A 151 10.42 23.90 0.59
N GLU A 152 10.71 24.02 -0.70
CA GLU A 152 12.08 24.21 -1.17
C GLU A 152 12.08 25.14 -2.38
N ASP A 153 12.74 26.30 -2.24
CA ASP A 153 12.95 27.22 -3.36
C ASP A 153 11.62 27.58 -4.04
N GLY A 154 10.64 27.96 -3.22
CA GLY A 154 9.35 28.40 -3.70
C GLY A 154 8.39 27.30 -4.09
N ARG A 155 8.85 26.09 -4.36
CA ARG A 155 7.98 24.99 -4.73
C ARG A 155 8.04 23.88 -3.68
N PHE A 156 7.00 23.06 -3.66
CA PHE A 156 6.87 21.97 -2.69
C PHE A 156 7.31 20.67 -3.34
N VAL A 157 8.13 19.91 -2.63
CA VAL A 157 8.69 18.66 -3.13
C VAL A 157 8.14 17.51 -2.28
N TYR A 158 7.92 16.38 -2.94
CA TYR A 158 7.43 15.16 -2.30
C TYR A 158 8.40 14.04 -2.64
N ARG A 159 9.06 13.48 -1.62
CA ARG A 159 10.12 12.50 -1.81
C ARG A 159 9.72 11.18 -1.18
N LEU A 160 9.57 10.15 -2.01
CA LEU A 160 9.35 8.78 -1.57
C LEU A 160 10.50 7.95 -2.11
N LEU A 161 11.67 8.09 -1.49
CA LEU A 161 12.92 7.57 -2.04
C LEU A 161 13.32 6.27 -1.38
N ARG A 162 13.90 5.37 -2.18
CA ARG A 162 14.48 4.12 -1.69
C ARG A 162 13.47 3.29 -0.90
N SER A 163 12.23 3.30 -1.35
CA SER A 163 11.23 2.40 -0.78
CA SER A 163 11.24 2.41 -0.78
C SER A 163 11.56 0.96 -1.15
N PRO A 164 11.48 0.03 -0.20
CA PRO A 164 11.75 -1.38 -0.55
C PRO A 164 10.72 -1.89 -1.54
N MET A 165 11.21 -2.51 -2.61
CA MET A 165 10.31 -3.08 -3.61
C MET A 165 9.52 -4.22 -2.99
N CYS A 166 8.26 -4.35 -3.38
CA CYS A 166 7.42 -5.43 -2.88
CA CYS A 166 7.43 -5.44 -2.88
C CYS A 166 8.08 -6.79 -3.17
N GLU A 167 8.02 -7.69 -2.20
CA GLU A 167 8.67 -8.99 -2.38
C GLU A 167 8.02 -9.79 -3.50
N TYR A 168 6.73 -9.56 -3.78
CA TYR A 168 6.12 -10.17 -4.95
C TYR A 168 6.85 -9.78 -6.23
N LEU A 169 7.24 -8.51 -6.34
CA LEU A 169 7.90 -8.07 -7.56
C LEU A 169 9.36 -8.52 -7.62
N VAL A 170 10.04 -8.55 -6.48
CA VAL A 170 11.41 -9.10 -6.46
C VAL A 170 11.40 -10.55 -6.88
N ASN A 171 10.43 -11.32 -6.37
CA ASN A 171 10.30 -12.71 -6.75
CA ASN A 171 10.31 -12.72 -6.76
C ASN A 171 9.93 -12.85 -8.23
N PHE A 172 8.99 -12.01 -8.69
CA PHE A 172 8.61 -12.03 -10.11
C PHE A 172 9.80 -11.70 -11.00
N LEU A 173 10.63 -10.73 -10.59
CA LEU A 173 11.80 -10.37 -11.40
C LEU A 173 12.77 -11.53 -11.52
N HIS A 174 13.01 -12.25 -10.43
CA HIS A 174 13.97 -13.36 -10.48
C HIS A 174 13.45 -14.50 -11.35
N LYS A 175 12.16 -14.82 -11.24
CA LYS A 175 11.58 -15.82 -12.13
C LYS A 175 11.63 -15.35 -13.58
N LEU A 176 11.26 -14.09 -13.82
CA LEU A 176 11.21 -13.56 -15.19
C LEU A 176 12.57 -13.63 -15.86
N ARG A 177 13.63 -13.27 -15.14
CA ARG A 177 14.97 -13.28 -15.72
C ARG A 177 15.47 -14.70 -16.01
N GLN A 178 14.82 -15.72 -15.45
CA GLN A 178 15.17 -17.11 -15.75
C GLN A 178 14.71 -17.56 -17.12
N LEU A 179 13.68 -16.92 -17.69
CA LEU A 179 13.05 -17.43 -18.89
C LEU A 179 14.07 -17.48 -20.02
N PRO A 180 14.04 -18.54 -20.85
CA PRO A 180 15.12 -18.73 -21.84
C PRO A 180 15.01 -17.84 -23.07
N GLU A 181 13.83 -17.28 -23.36
CA GLU A 181 13.63 -16.48 -24.55
C GLU A 181 13.00 -15.15 -24.17
N ARG A 182 13.42 -14.09 -24.86
CA ARG A 182 12.85 -12.78 -24.59
C ARG A 182 11.37 -12.72 -24.97
N TYR A 183 10.97 -13.47 -26.00
CA TYR A 183 9.56 -13.46 -26.38
C TYR A 183 8.69 -14.11 -25.32
N MET A 184 9.25 -15.06 -24.57
CA MET A 184 8.52 -15.65 -23.45
C MET A 184 8.37 -14.67 -22.30
N MET A 185 9.42 -13.89 -22.04
CA MET A 185 9.29 -12.79 -21.08
C MET A 185 8.19 -11.82 -21.49
N ASN A 186 8.14 -11.47 -22.77
CA ASN A 186 7.12 -10.53 -23.22
C ASN A 186 5.73 -11.14 -23.17
N SER A 187 5.62 -12.45 -23.41
CA SER A 187 4.34 -13.12 -23.25
C SER A 187 3.83 -13.01 -21.82
N VAL A 188 4.73 -13.23 -20.86
CA VAL A 188 4.36 -13.13 -19.44
C VAL A 188 3.97 -11.70 -19.10
N LEU A 189 4.77 -10.73 -19.55
CA LEU A 189 4.53 -9.33 -19.21
C LEU A 189 3.31 -8.76 -19.90
N GLU A 190 2.82 -9.41 -20.96
CA GLU A 190 1.57 -8.98 -21.60
C GLU A 190 0.43 -8.92 -20.60
N ASN A 191 0.47 -9.77 -19.57
CA ASN A 191 -0.61 -9.89 -18.61
C ASN A 191 -0.26 -9.25 -17.27
N PHE A 192 0.70 -8.34 -17.25
CA PHE A 192 1.22 -7.74 -16.02
C PHE A 192 1.15 -6.22 -16.16
N THR A 193 0.43 -5.57 -15.27
CA THR A 193 0.27 -4.11 -15.30
C THR A 193 0.36 -3.55 -13.89
N ILE A 194 0.63 -2.24 -13.82
CA ILE A 194 0.68 -1.51 -12.56
C ILE A 194 -0.09 -0.21 -12.72
N LEU A 195 -0.92 0.11 -11.74
CA LEU A 195 -1.70 1.34 -11.73
C LEU A 195 -1.28 2.16 -10.52
N GLN A 196 -0.79 3.38 -10.77
CA GLN A 196 -0.36 4.29 -9.71
C GLN A 196 -1.35 5.44 -9.62
N VAL A 197 -1.93 5.64 -8.44
CA VAL A 197 -2.89 6.71 -8.20
C VAL A 197 -2.34 7.60 -7.10
N VAL A 198 -2.23 8.88 -7.38
CA VAL A 198 -1.81 9.88 -6.40
C VAL A 198 -3.00 10.77 -6.12
N THR A 199 -3.39 10.86 -4.85
CA THR A 199 -4.55 11.66 -4.46
C THR A 199 -4.17 12.61 -3.34
N ASN A 200 -4.90 13.73 -3.26
CA ASN A 200 -4.81 14.61 -2.12
C ASN A 200 -5.39 13.90 -0.90
N ARG A 201 -4.56 13.64 0.11
CA ARG A 201 -5.01 12.89 1.26
C ARG A 201 -6.18 13.56 1.97
N ASP A 202 -6.21 14.90 1.98
CA ASP A 202 -7.18 15.61 2.80
C ASP A 202 -8.52 15.76 2.08
N THR A 203 -8.50 15.97 0.76
CA THR A 203 -9.73 16.15 0.00
C THR A 203 -10.22 14.88 -0.67
N GLN A 204 -9.34 13.91 -0.93
CA GLN A 204 -9.56 12.66 -1.66
C GLN A 204 -9.58 12.87 -3.16
N GLU A 205 -9.29 14.07 -3.66
CA GLU A 205 -9.35 14.28 -5.10
C GLU A 205 -8.13 13.66 -5.77
N LEU A 206 -8.36 13.08 -6.95
CA LEU A 206 -7.28 12.45 -7.69
C LEU A 206 -6.39 13.52 -8.32
N LEU A 207 -5.08 13.39 -8.13
CA LEU A 207 -4.11 14.31 -8.70
C LEU A 207 -3.41 13.77 -9.93
N LEU A 208 -3.15 12.47 -9.96
CA LEU A 208 -2.39 11.88 -11.05
C LEU A 208 -2.66 10.38 -11.05
N CYS A 209 -2.86 9.83 -12.25
CA CYS A 209 -3.09 8.40 -12.40
C CYS A 209 -2.27 7.89 -13.57
N THR A 210 -1.37 6.95 -13.32
CA THR A 210 -0.48 6.44 -14.35
C THR A 210 -0.70 4.94 -14.49
N ALA A 211 -1.05 4.51 -15.70
CA ALA A 211 -1.11 3.09 -16.05
C ALA A 211 0.20 2.69 -16.70
N TYR A 212 0.78 1.57 -16.25
CA TYR A 212 2.06 1.10 -16.73
C TYR A 212 1.87 -0.23 -17.45
N VAL A 213 2.44 -0.34 -18.65
CA VAL A 213 2.50 -1.60 -19.38
C VAL A 213 3.97 -1.86 -19.71
N PHE A 214 4.31 -3.14 -19.88
CA PHE A 214 5.70 -3.57 -19.83
C PHE A 214 6.07 -4.49 -20.98
N GLU A 215 7.27 -4.27 -21.53
CA GLU A 215 8.01 -5.22 -22.36
C GLU A 215 9.43 -5.31 -21.82
N VAL A 216 10.16 -6.33 -22.26
CA VAL A 216 11.58 -6.48 -21.93
C VAL A 216 12.40 -5.91 -23.06
N SER A 217 13.33 -5.02 -22.71
CA SER A 217 14.28 -4.50 -23.68
C SER A 217 15.23 -5.62 -24.12
N THR A 218 15.68 -5.54 -25.36
CA THR A 218 16.71 -6.47 -25.81
C THR A 218 17.93 -6.32 -24.91
N SER A 219 18.72 -7.39 -24.79
CA SER A 219 19.75 -7.45 -23.76
C SER A 219 20.82 -6.37 -23.95
N GLU A 220 20.92 -5.77 -25.14
CA GLU A 220 21.94 -4.77 -25.41
C GLU A 220 21.50 -3.36 -25.03
N ARG A 221 20.20 -3.10 -24.94
CA ARG A 221 19.67 -1.77 -24.72
C ARG A 221 19.16 -1.62 -23.29
N GLY A 222 19.47 -0.48 -22.69
CA GLY A 222 18.97 -0.17 -21.37
C GLY A 222 17.48 0.17 -21.42
N ALA A 223 16.97 0.58 -20.26
CA ALA A 223 15.56 0.85 -20.12
C ALA A 223 15.16 2.09 -20.91
N GLN A 224 13.94 2.07 -21.46
CA GLN A 224 13.35 3.22 -22.12
C GLN A 224 11.87 3.25 -21.82
N HIS A 225 11.23 4.37 -22.14
CA HIS A 225 9.81 4.53 -21.88
C HIS A 225 9.18 5.37 -22.98
N HIS A 226 7.86 5.32 -23.04
CA HIS A 226 7.09 6.20 -23.92
C HIS A 226 5.82 6.57 -23.16
N ILE A 227 5.58 7.86 -23.00
CA ILE A 227 4.48 8.39 -22.18
C ILE A 227 3.37 8.85 -23.10
N TYR A 228 2.13 8.48 -22.77
CA TYR A 228 0.96 8.89 -23.55
C TYR A 228 -0.06 9.55 -22.63
N ARG A 229 -0.78 10.52 -23.19
CA ARG A 229 -1.98 11.03 -22.54
C ARG A 229 -3.12 10.06 -22.79
N LEU A 230 -3.88 9.73 -21.75
CA LEU A 230 -5.06 8.89 -21.88
C LEU A 230 -6.29 9.75 -22.16
N VAL A 231 -6.93 9.51 -23.31
CA VAL A 231 -8.09 10.27 -23.74
C VAL A 231 -9.24 9.31 -23.99
N ARG A 232 -10.45 9.88 -24.10
CA ARG A 232 -11.64 9.09 -24.39
C ARG A 232 -12.63 9.91 -25.21
N GLY B 8 -5.88 -3.55 28.86
CA GLY B 8 -5.97 -2.79 27.62
C GLY B 8 -4.93 -3.16 26.58
N LEU B 9 -5.18 -2.78 25.33
CA LEU B 9 -4.24 -3.01 24.24
C LEU B 9 -3.25 -1.84 24.23
N GLY B 10 -2.05 -2.09 24.71
CA GLY B 10 -1.02 -1.07 24.71
C GLY B 10 0.07 -1.41 25.70
N THR B 11 1.09 -0.55 25.70
CA THR B 11 2.20 -0.64 26.62
C THR B 11 2.26 0.65 27.45
N ALA B 12 3.32 0.79 28.24
CA ALA B 12 3.50 2.01 29.00
C ALA B 12 3.79 3.21 28.10
N ARG B 13 4.27 2.99 26.88
CA ARG B 13 4.63 4.08 25.98
C ARG B 13 3.52 4.45 25.01
N LEU B 14 2.67 3.51 24.62
CA LEU B 14 1.64 3.80 23.64
C LEU B 14 0.45 2.89 23.90
N GLN B 15 -0.76 3.47 23.93
CA GLN B 15 -1.98 2.71 24.11
C GLN B 15 -2.96 3.02 22.98
N LEU B 16 -3.61 1.97 22.48
CA LEU B 16 -4.73 2.14 21.58
C LEU B 16 -5.97 2.54 22.37
N VAL B 17 -6.58 3.66 21.99
CA VAL B 17 -7.76 4.16 22.66
C VAL B 17 -9.03 3.78 21.92
N GLU B 18 -9.00 3.80 20.59
CA GLU B 18 -10.17 3.45 19.81
C GLU B 18 -9.74 3.04 18.41
N PHE B 19 -10.48 2.08 17.86
CA PHE B 19 -10.31 1.65 16.48
C PHE B 19 -11.68 1.27 15.94
N SER B 20 -11.93 1.61 14.68
CA SER B 20 -13.16 1.17 14.02
C SER B 20 -12.93 1.13 12.52
N ALA B 21 -13.59 0.17 11.88
CA ALA B 21 -13.74 0.13 10.44
C ALA B 21 -15.24 0.21 10.15
N PHE B 22 -15.62 1.01 9.16
CA PHE B 22 -17.02 1.36 9.02
C PHE B 22 -17.33 1.75 7.58
N VAL B 23 -18.63 1.82 7.31
CA VAL B 23 -19.15 2.38 6.07
C VAL B 23 -20.18 3.43 6.44
N GLU B 24 -20.13 4.56 5.75
CA GLU B 24 -21.10 5.64 5.92
C GLU B 24 -22.03 5.68 4.72
N PRO B 25 -23.35 5.80 4.93
CA PRO B 25 -24.29 6.01 3.82
C PRO B 25 -24.13 7.38 3.16
N ARG B 34 -23.76 5.74 10.21
CA ARG B 34 -22.49 5.02 10.24
C ARG B 34 -22.65 3.60 10.80
N HIS B 35 -22.18 2.61 10.05
CA HIS B 35 -22.24 1.21 10.45
C HIS B 35 -20.82 0.70 10.72
N LEU B 36 -20.59 0.18 11.92
CA LEU B 36 -19.28 -0.33 12.31
C LEU B 36 -19.20 -1.82 12.01
N PHE B 37 -18.27 -2.21 11.12
CA PHE B 37 -17.97 -3.62 10.95
C PHE B 37 -17.31 -4.19 12.20
N VAL B 38 -16.28 -3.49 12.69
CA VAL B 38 -15.55 -3.86 13.89
C VAL B 38 -15.25 -2.59 14.66
N HIS B 39 -15.07 -2.71 15.97
CA HIS B 39 -14.90 -1.55 16.82
C HIS B 39 -14.26 -1.93 18.15
N ILE B 40 -13.19 -1.24 18.51
CA ILE B 40 -12.59 -1.31 19.84
C ILE B 40 -12.75 0.05 20.47
N SER B 41 -13.27 0.09 21.69
CA SER B 41 -13.51 1.34 22.39
C SER B 41 -12.85 1.32 23.75
N GLN B 42 -12.47 2.50 24.22
CA GLN B 42 -11.88 2.66 25.55
C GLN B 42 -11.94 4.12 26.01
N PRO B 51 -8.07 -7.71 33.20
CA PRO B 51 -6.90 -8.62 33.20
C PRO B 51 -6.86 -9.52 31.97
N LEU B 52 -6.05 -9.15 30.97
CA LEU B 52 -6.10 -9.78 29.66
C LEU B 52 -5.56 -11.20 29.69
N GLU B 53 -6.24 -12.10 28.97
CA GLU B 53 -5.72 -13.43 28.75
C GLU B 53 -4.54 -13.38 27.78
N SER B 54 -3.84 -14.50 27.65
CA SER B 54 -2.70 -14.60 26.76
C SER B 54 -2.91 -15.73 25.76
N VAL B 55 -2.12 -15.69 24.69
CA VAL B 55 -2.16 -16.68 23.61
C VAL B 55 -0.73 -16.92 23.15
N ASP B 56 -0.38 -18.19 22.94
CA ASP B 56 0.97 -18.51 22.50
C ASP B 56 1.09 -18.21 21.01
N VAL B 57 2.10 -17.40 20.66
CA VAL B 57 2.20 -16.88 19.30
C VAL B 57 2.43 -17.98 18.28
N ARG B 58 2.97 -19.13 18.71
CA ARG B 58 3.23 -20.22 17.77
C ARG B 58 1.94 -20.75 17.16
N GLN B 59 0.83 -20.63 17.86
CA GLN B 59 -0.45 -21.11 17.33
C GLN B 59 -0.82 -20.39 16.04
N ILE B 60 -0.72 -19.06 16.05
CA ILE B 60 -1.22 -18.23 14.96
C ILE B 60 -0.12 -18.01 13.91
N TYR B 61 0.97 -18.76 14.03
CA TYR B 61 2.17 -18.46 13.24
C TYR B 61 1.91 -18.58 11.74
N ASP B 62 1.06 -19.54 11.34
CA ASP B 62 0.90 -19.82 9.92
C ASP B 62 0.21 -18.68 9.17
N LYS B 63 -0.68 -17.94 9.83
CA LYS B 63 -1.61 -17.04 9.17
C LYS B 63 -0.97 -15.75 8.67
N PHE B 64 0.32 -15.55 8.90
CA PHE B 64 0.93 -14.26 8.60
C PHE B 64 2.16 -14.47 7.71
N PRO B 65 2.87 -13.45 7.22
CA PRO B 65 3.95 -13.72 6.29
C PRO B 65 4.93 -14.65 6.99
N GLU B 66 5.33 -15.74 6.33
CA GLU B 66 6.34 -16.64 6.93
C GLU B 66 7.70 -15.96 6.98
N LYS B 67 8.00 -15.10 6.02
CA LYS B 67 9.34 -14.46 6.06
C LYS B 67 9.24 -12.98 5.71
N LYS B 68 10.35 -12.27 5.94
CA LYS B 68 10.51 -10.83 5.56
C LYS B 68 9.51 -9.90 6.23
N GLY B 69 9.76 -9.55 7.51
CA GLY B 69 8.90 -8.59 8.22
C GLY B 69 7.66 -9.26 8.77
N GLY B 70 7.68 -10.58 8.83
CA GLY B 70 6.58 -11.45 9.28
C GLY B 70 6.37 -11.45 10.78
N LEU B 71 5.33 -12.11 11.23
CA LEU B 71 5.02 -12.11 12.66
C LEU B 71 6.14 -12.74 13.47
N ARG B 72 6.66 -13.89 13.03
CA ARG B 72 7.70 -14.57 13.78
C ARG B 72 8.97 -13.74 13.84
N GLU B 73 9.31 -13.06 12.75
CA GLU B 73 10.52 -12.26 12.73
CA GLU B 73 10.53 -12.24 12.72
C GLU B 73 10.41 -11.06 13.67
N LEU B 74 9.29 -10.33 13.59
CA LEU B 74 9.09 -9.19 14.47
C LEU B 74 9.09 -9.61 15.94
N TYR B 75 8.48 -10.76 16.25
CA TYR B 75 8.37 -11.17 17.63
C TYR B 75 9.74 -11.53 18.21
N ASP B 76 10.58 -12.18 17.40
CA ASP B 76 11.92 -12.54 17.86
C ASP B 76 12.74 -11.30 18.19
N ARG B 77 12.63 -10.24 17.38
CA ARG B 77 13.31 -9.00 17.72
C ARG B 77 12.69 -8.35 18.95
N GLY B 78 11.39 -8.52 19.14
CA GLY B 78 10.71 -7.99 20.31
C GLY B 78 10.54 -6.48 20.24
N PRO B 79 10.20 -5.87 21.38
CA PRO B 79 9.96 -6.51 22.68
C PRO B 79 8.65 -7.28 22.71
N PRO B 80 8.63 -8.42 23.41
CA PRO B 80 7.43 -9.27 23.38
C PRO B 80 6.20 -8.61 24.01
N HIS B 81 6.40 -7.74 25.00
CA HIS B 81 5.27 -7.11 25.67
C HIS B 81 4.48 -6.17 24.77
N ALA B 82 5.01 -5.85 23.58
CA ALA B 82 4.32 -4.97 22.64
C ALA B 82 3.45 -5.72 21.65
N PHE B 83 3.31 -7.04 21.78
CA PHE B 83 2.64 -7.87 20.79
C PHE B 83 1.30 -8.34 21.31
N PHE B 84 0.26 -8.14 20.50
CA PHE B 84 -1.12 -8.44 20.88
C PHE B 84 -1.83 -9.17 19.75
N LEU B 85 -2.86 -9.92 20.11
CA LEU B 85 -3.77 -10.55 19.17
C LEU B 85 -5.18 -10.07 19.45
N VAL B 86 -5.90 -9.69 18.40
CA VAL B 86 -7.30 -9.26 18.49
C VAL B 86 -8.13 -10.18 17.62
N LYS B 87 -9.11 -10.86 18.23
CA LYS B 87 -10.09 -11.62 17.49
C LYS B 87 -11.33 -10.76 17.30
N PHE B 88 -11.73 -10.57 16.05
CA PHE B 88 -12.89 -9.77 15.70
C PHE B 88 -14.02 -10.67 15.23
N TRP B 89 -15.23 -10.40 15.71
CA TRP B 89 -16.45 -10.94 15.12
C TRP B 89 -17.17 -9.75 14.48
N ALA B 90 -17.11 -9.66 13.16
CA ALA B 90 -17.56 -8.48 12.45
C ALA B 90 -19.06 -8.52 12.18
N ASP B 91 -19.65 -7.33 12.10
CA ASP B 91 -21.06 -7.16 11.77
C ASP B 91 -21.15 -6.73 10.29
N LEU B 92 -21.59 -7.65 9.44
CA LEU B 92 -21.68 -7.41 8.00
C LEU B 92 -23.12 -7.31 7.52
N ASN B 93 -24.07 -7.07 8.43
CA ASN B 93 -25.47 -6.90 8.08
C ASN B 93 -25.78 -5.40 8.10
N TRP B 94 -25.77 -4.77 6.92
CA TRP B 94 -26.04 -3.34 6.83
C TRP B 94 -26.77 -2.96 5.54
N GLY B 111 -21.26 3.86 -0.42
CA GLY B 111 -20.94 4.73 0.68
C GLY B 111 -19.45 4.93 0.89
N PHE B 112 -19.07 5.64 1.95
CA PHE B 112 -17.68 5.88 2.28
C PHE B 112 -17.19 4.80 3.24
N TYR B 113 -16.19 4.03 2.82
CA TYR B 113 -15.58 2.99 3.63
C TYR B 113 -14.35 3.57 4.31
N GLY B 114 -14.37 3.64 5.64
CA GLY B 114 -13.34 4.32 6.38
C GLY B 114 -12.83 3.52 7.55
N VAL B 115 -11.66 3.94 8.05
CA VAL B 115 -11.01 3.36 9.21
C VAL B 115 -10.62 4.53 10.12
N SER B 116 -10.82 4.35 11.43
CA SER B 116 -10.44 5.37 12.40
C SER B 116 -9.59 4.73 13.49
N SER B 117 -8.54 5.43 13.91
CA SER B 117 -7.64 4.97 14.96
C SER B 117 -7.26 6.15 15.85
N GLN B 118 -7.16 5.89 17.15
CA GLN B 118 -6.68 6.89 18.09
C GLN B 118 -5.73 6.23 19.09
N TYR B 119 -4.55 6.80 19.25
CA TYR B 119 -3.57 6.34 20.22
C TYR B 119 -3.29 7.46 21.21
N GLU B 120 -2.70 7.08 22.34
CA GLU B 120 -2.33 8.03 23.39
C GLU B 120 -0.96 7.67 23.93
N SER B 121 -0.27 8.68 24.45
CA SER B 121 1.07 8.47 25.01
C SER B 121 1.40 9.64 25.92
N LEU B 122 2.33 9.40 26.84
CA LEU B 122 2.84 10.46 27.70
C LEU B 122 4.07 11.15 27.13
N GLU B 123 4.74 10.53 26.15
CA GLU B 123 5.89 11.13 25.49
C GLU B 123 5.47 11.67 24.14
N HIS B 124 6.01 12.85 23.79
CA HIS B 124 5.77 13.40 22.45
C HIS B 124 6.53 12.59 21.42
N MET B 125 5.81 12.06 20.43
CA MET B 125 6.41 11.21 19.41
C MET B 125 5.77 11.48 18.06
N THR B 126 6.44 11.01 17.02
CA THR B 126 5.84 10.83 15.70
C THR B 126 5.72 9.33 15.44
N LEU B 127 4.53 8.87 15.08
CA LEU B 127 4.28 7.45 14.87
C LEU B 127 4.32 7.13 13.38
N THR B 128 4.84 5.94 13.07
CA THR B 128 4.68 5.32 11.75
C THR B 128 3.80 4.09 11.93
N CYS B 129 2.64 4.09 11.27
CA CYS B 129 1.66 3.03 11.40
C CYS B 129 1.57 2.27 10.09
N SER B 130 1.92 0.99 10.12
CA SER B 130 1.90 0.13 8.95
C SER B 130 0.82 -0.94 9.14
N SER B 131 -0.06 -1.08 8.15
CA SER B 131 -1.07 -2.14 8.13
C SER B 131 -0.79 -3.04 6.94
N LYS B 132 -0.59 -4.33 7.20
CA LYS B 132 -0.36 -5.33 6.16
C LYS B 132 -1.56 -6.28 6.14
N VAL B 133 -2.24 -6.36 5.02
CA VAL B 133 -3.36 -7.27 4.84
C VAL B 133 -2.84 -8.51 4.14
N CYS B 134 -3.11 -9.68 4.72
CA CYS B 134 -2.61 -10.95 4.22
C CYS B 134 -3.78 -11.83 3.80
N SER B 135 -3.62 -12.48 2.65
CA SER B 135 -4.56 -13.47 2.14
C SER B 135 -3.77 -14.75 1.87
N PHE B 136 -4.13 -15.82 2.59
CA PHE B 136 -3.45 -17.11 2.47
C PHE B 136 -1.95 -16.98 2.69
N GLY B 137 -1.59 -16.32 3.79
CA GLY B 137 -0.19 -16.13 4.16
C GLY B 137 0.50 -15.01 3.41
N LYS B 138 0.10 -14.77 2.17
CA LYS B 138 0.73 -13.78 1.31
C LYS B 138 0.18 -12.39 1.58
N GLN B 139 1.07 -11.42 1.75
CA GLN B 139 0.68 -10.03 1.88
C GLN B 139 0.13 -9.51 0.57
N VAL B 140 -1.08 -8.95 0.61
CA VAL B 140 -1.70 -8.36 -0.57
C VAL B 140 -1.83 -6.85 -0.49
N VAL B 141 -1.72 -6.26 0.69
CA VAL B 141 -1.78 -4.81 0.87
C VAL B 141 -0.75 -4.42 1.91
N GLU B 142 -0.09 -3.29 1.70
CA GLU B 142 0.59 -2.59 2.77
C GLU B 142 0.26 -1.11 2.69
N LYS B 143 -0.12 -0.53 3.82
CA LYS B 143 -0.50 0.86 3.93
C LYS B 143 0.29 1.46 5.07
N VAL B 144 1.06 2.52 4.79
CA VAL B 144 1.91 3.17 5.77
C VAL B 144 1.44 4.61 5.96
N GLU B 145 1.23 5.00 7.21
CA GLU B 145 0.83 6.36 7.54
C GLU B 145 1.74 6.92 8.63
N THR B 146 1.77 8.25 8.70
CA THR B 146 2.51 8.97 9.72
C THR B 146 1.57 9.92 10.45
N GLU B 147 1.71 10.01 11.77
CA GLU B 147 0.86 10.89 12.57
C GLU B 147 1.70 11.53 13.67
N ARG B 148 1.70 12.86 13.71
CA ARG B 148 2.41 13.60 14.73
C ARG B 148 1.54 13.73 15.99
N ALA B 149 2.21 13.87 17.12
CA ALA B 149 1.52 13.99 18.40
C ALA B 149 0.79 15.33 18.48
N GLN B 150 -0.35 15.31 19.16
CA GLN B 150 -1.13 16.49 19.44
C GLN B 150 -1.35 16.57 20.95
N LEU B 151 -0.93 17.68 21.55
CA LEU B 151 -1.12 17.86 22.98
C LEU B 151 -2.59 18.11 23.28
N GLU B 152 -3.13 17.37 24.27
CA GLU B 152 -4.54 17.48 24.61
C GLU B 152 -4.76 16.92 26.00
N ASP B 153 -5.22 17.78 26.92
CA ASP B 153 -5.68 17.36 28.25
C ASP B 153 -4.60 16.59 29.01
N GLY B 154 -3.38 17.11 28.99
CA GLY B 154 -2.30 16.58 29.79
C GLY B 154 -1.56 15.39 29.19
N ARG B 155 -1.86 15.02 27.95
CA ARG B 155 -1.23 13.89 27.30
C ARG B 155 -1.17 14.16 25.81
N PHE B 156 -0.65 13.18 25.06
CA PHE B 156 -0.56 13.29 23.61
C PHE B 156 -1.48 12.27 22.97
N VAL B 157 -2.30 12.74 22.02
CA VAL B 157 -3.20 11.87 21.29
C VAL B 157 -2.76 11.83 19.83
N TYR B 158 -2.98 10.70 19.19
CA TYR B 158 -2.63 10.47 17.80
C TYR B 158 -3.90 10.05 17.10
N ARG B 159 -4.51 10.96 16.34
CA ARG B 159 -5.77 10.71 15.67
C ARG B 159 -5.53 10.46 14.18
N LEU B 160 -5.89 9.28 13.72
CA LEU B 160 -5.89 8.93 12.30
C LEU B 160 -7.34 8.61 11.94
N LEU B 161 -8.13 9.66 11.67
CA LEU B 161 -9.57 9.53 11.52
C LEU B 161 -9.99 9.55 10.06
N ARG B 162 -11.01 8.76 9.74
CA ARG B 162 -11.62 8.71 8.41
C ARG B 162 -10.60 8.47 7.31
N SER B 163 -9.67 7.57 7.57
CA SER B 163 -8.78 7.12 6.51
C SER B 163 -9.57 6.24 5.54
N PRO B 164 -9.49 6.47 4.24
CA PRO B 164 -10.21 5.62 3.29
C PRO B 164 -9.74 4.18 3.38
N MET B 165 -10.69 3.26 3.54
CA MET B 165 -10.36 1.85 3.53
C MET B 165 -9.75 1.48 2.19
N CYS B 166 -8.66 0.71 2.21
CA CYS B 166 -7.98 0.38 0.97
C CYS B 166 -8.93 -0.37 0.04
N GLU B 167 -8.78 -0.10 -1.26
CA GLU B 167 -9.79 -0.53 -2.23
C GLU B 167 -9.82 -2.04 -2.41
N TYR B 168 -8.73 -2.75 -2.07
CA TYR B 168 -8.79 -4.20 -2.04
C TYR B 168 -9.86 -4.67 -1.05
N LEU B 169 -9.90 -4.07 0.14
CA LEU B 169 -10.81 -4.54 1.17
C LEU B 169 -12.25 -4.12 0.88
N VAL B 170 -12.46 -2.98 0.22
CA VAL B 170 -13.81 -2.58 -0.13
C VAL B 170 -14.40 -3.56 -1.14
N ASN B 171 -13.62 -3.92 -2.17
CA ASN B 171 -14.06 -4.93 -3.13
C ASN B 171 -14.30 -6.27 -2.43
N PHE B 172 -13.41 -6.63 -1.52
CA PHE B 172 -13.56 -7.88 -0.78
C PHE B 172 -14.83 -7.87 0.08
N LEU B 173 -15.08 -6.76 0.77
CA LEU B 173 -16.29 -6.65 1.59
C LEU B 173 -17.55 -6.73 0.75
N HIS B 174 -17.53 -6.13 -0.44
CA HIS B 174 -18.69 -6.17 -1.32
C HIS B 174 -19.03 -7.61 -1.70
N LYS B 175 -18.02 -8.41 -2.00
CA LYS B 175 -18.27 -9.83 -2.31
C LYS B 175 -18.61 -10.61 -1.06
N LEU B 176 -17.92 -10.35 0.05
CA LEU B 176 -18.10 -11.15 1.26
C LEU B 176 -19.54 -11.09 1.75
N ARG B 177 -20.17 -9.91 1.67
CA ARG B 177 -21.52 -9.77 2.20
C ARG B 177 -22.57 -10.34 1.26
N GLN B 178 -22.20 -10.73 0.03
CA GLN B 178 -23.11 -11.45 -0.85
C GLN B 178 -23.36 -12.87 -0.40
N LEU B 179 -22.45 -13.46 0.37
CA LEU B 179 -22.48 -14.89 0.60
C LEU B 179 -23.72 -15.28 1.39
N PRO B 180 -24.37 -16.40 1.04
CA PRO B 180 -25.68 -16.72 1.64
C PRO B 180 -25.62 -17.33 3.02
N GLU B 181 -24.45 -17.70 3.52
CA GLU B 181 -24.35 -18.37 4.81
C GLU B 181 -23.19 -17.78 5.61
N ARG B 182 -23.44 -17.57 6.90
CA ARG B 182 -22.38 -17.06 7.78
C ARG B 182 -21.19 -18.02 7.82
N TYR B 183 -21.45 -19.33 7.83
CA TYR B 183 -20.35 -20.28 7.89
C TYR B 183 -19.49 -20.21 6.63
N MET B 184 -20.07 -19.80 5.50
CA MET B 184 -19.28 -19.60 4.29
C MET B 184 -18.41 -18.34 4.41
N MET B 185 -18.95 -17.27 5.00
CA MET B 185 -18.14 -16.08 5.27
C MET B 185 -16.96 -16.42 6.17
N ASN B 186 -17.19 -17.22 7.21
CA ASN B 186 -16.10 -17.59 8.12
C ASN B 186 -15.07 -18.45 7.41
N SER B 187 -15.52 -19.34 6.52
CA SER B 187 -14.57 -20.15 5.74
CA SER B 187 -14.57 -20.15 5.75
C SER B 187 -13.69 -19.26 4.88
N VAL B 188 -14.27 -18.25 4.25
CA VAL B 188 -13.48 -17.33 3.45
C VAL B 188 -12.53 -16.53 4.33
N LEU B 189 -12.97 -16.17 5.53
CA LEU B 189 -12.20 -15.30 6.40
C LEU B 189 -11.11 -16.01 7.19
N GLU B 190 -11.16 -17.34 7.32
CA GLU B 190 -10.11 -18.01 8.09
C GLU B 190 -8.73 -17.85 7.46
N ASN B 191 -8.67 -17.37 6.22
CA ASN B 191 -7.43 -17.17 5.49
C ASN B 191 -7.05 -15.69 5.38
N PHE B 192 -7.75 -14.82 6.09
CA PHE B 192 -7.60 -13.37 5.97
C PHE B 192 -7.12 -12.80 7.29
N THR B 193 -5.97 -12.12 7.27
CA THR B 193 -5.42 -11.55 8.49
C THR B 193 -4.87 -10.15 8.22
N ILE B 194 -4.74 -9.37 9.29
CA ILE B 194 -4.13 -8.05 9.22
C ILE B 194 -3.09 -7.94 10.33
N LEU B 195 -1.95 -7.36 10.01
CA LEU B 195 -0.87 -7.12 10.97
C LEU B 195 -0.60 -5.63 11.00
N GLN B 196 -0.78 -5.03 12.17
CA GLN B 196 -0.54 -3.57 12.34
C GLN B 196 0.70 -3.38 13.20
N VAL B 197 1.67 -2.62 12.69
CA VAL B 197 2.92 -2.35 13.38
C VAL B 197 3.04 -0.84 13.54
N VAL B 198 3.16 -0.39 14.79
CA VAL B 198 3.32 1.03 15.11
C VAL B 198 4.72 1.22 15.66
N THR B 199 5.51 2.08 15.01
CA THR B 199 6.88 2.33 15.41
C THR B 199 7.11 3.81 15.68
N ASN B 200 8.01 4.10 16.62
CA ASN B 200 8.55 5.43 16.80
C ASN B 200 9.33 5.80 15.54
N ARG B 201 8.83 6.76 14.76
CA ARG B 201 9.49 7.09 13.49
CA ARG B 201 9.49 7.08 13.49
C ARG B 201 10.91 7.59 13.71
N ASP B 202 11.13 8.37 14.77
CA ASP B 202 12.45 8.94 15.01
C ASP B 202 13.47 7.88 15.40
N THR B 203 13.09 6.96 16.30
CA THR B 203 14.05 6.02 16.85
C THR B 203 13.96 4.63 16.24
N GLN B 204 12.99 4.38 15.37
CA GLN B 204 12.71 3.09 14.75
C GLN B 204 12.31 2.02 15.76
N GLU B 205 12.08 2.40 17.01
CA GLU B 205 11.62 1.45 18.02
C GLU B 205 10.21 0.97 17.70
N LEU B 206 9.98 -0.33 17.91
CA LEU B 206 8.64 -0.88 17.80
CA LEU B 206 8.64 -0.87 17.80
C LEU B 206 7.86 -0.54 19.06
N LEU B 207 6.70 0.09 18.88
CA LEU B 207 5.85 0.49 19.99
C LEU B 207 4.70 -0.49 20.21
N LEU B 208 4.11 -0.98 19.13
CA LEU B 208 2.93 -1.82 19.22
C LEU B 208 2.85 -2.66 17.96
N CYS B 209 2.57 -3.95 18.13
CA CYS B 209 2.32 -4.85 17.02
C CYS B 209 1.08 -5.66 17.34
N THR B 210 0.06 -5.56 16.49
CA THR B 210 -1.21 -6.23 16.73
C THR B 210 -1.55 -7.11 15.54
N ALA B 211 -1.80 -8.39 15.82
CA ALA B 211 -2.28 -9.32 14.81
C ALA B 211 -3.80 -9.43 14.94
N TYR B 212 -4.49 -9.40 13.79
CA TYR B 212 -5.95 -9.40 13.76
C TYR B 212 -6.45 -10.63 13.01
N VAL B 213 -7.46 -11.30 13.57
CA VAL B 213 -8.12 -12.41 12.89
C VAL B 213 -9.62 -12.15 12.95
N PHE B 214 -10.35 -12.75 12.01
CA PHE B 214 -11.71 -12.32 11.75
C PHE B 214 -12.67 -13.48 11.59
N GLU B 215 -13.85 -13.33 12.19
CA GLU B 215 -15.04 -14.10 11.86
C GLU B 215 -16.18 -13.11 11.68
N VAL B 216 -17.33 -13.61 11.24
CA VAL B 216 -18.53 -12.81 11.10
C VAL B 216 -19.50 -13.17 12.23
N SER B 217 -20.10 -12.16 12.83
CA SER B 217 -21.12 -12.36 13.85
C SER B 217 -22.50 -12.51 13.20
N THR B 218 -23.47 -12.88 14.01
CA THR B 218 -24.86 -12.91 13.59
C THR B 218 -25.49 -11.54 13.84
N SER B 219 -26.61 -11.27 13.16
CA SER B 219 -27.21 -9.96 13.24
C SER B 219 -27.64 -9.63 14.66
N GLU B 220 -28.23 -10.61 15.36
CA GLU B 220 -28.77 -10.34 16.69
C GLU B 220 -27.67 -10.00 17.69
N ARG B 221 -26.47 -10.53 17.50
N ARG B 221 -26.48 -10.58 17.52
CA ARG B 221 -25.44 -10.39 18.51
CA ARG B 221 -25.42 -10.41 18.50
C ARG B 221 -24.55 -9.18 18.32
C ARG B 221 -24.65 -9.11 18.31
N GLY B 222 -24.33 -8.75 17.08
CA GLY B 222 -23.53 -7.56 16.83
C GLY B 222 -22.04 -7.80 17.02
N ALA B 223 -21.25 -6.78 16.69
CA ALA B 223 -19.81 -6.94 16.65
C ALA B 223 -19.21 -7.16 18.04
N GLN B 224 -18.11 -7.91 18.07
CA GLN B 224 -17.43 -8.22 19.32
C GLN B 224 -15.95 -8.37 19.04
N HIS B 225 -15.15 -8.19 20.07
CA HIS B 225 -13.72 -8.40 19.96
C HIS B 225 -13.19 -8.91 21.29
N HIS B 226 -12.10 -9.65 21.23
CA HIS B 226 -11.35 -10.01 22.42
C HIS B 226 -9.87 -9.79 22.14
N ILE B 227 -9.17 -9.27 23.14
CA ILE B 227 -7.77 -8.87 23.00
C ILE B 227 -6.94 -9.81 23.85
N TYR B 228 -5.84 -10.29 23.28
CA TYR B 228 -4.98 -11.26 23.94
C TYR B 228 -3.54 -10.82 23.88
N ARG B 229 -2.80 -11.04 24.95
CA ARG B 229 -1.36 -10.84 24.93
C ARG B 229 -0.71 -12.02 24.23
N LEU B 230 0.22 -11.75 23.32
CA LEU B 230 0.95 -12.81 22.63
C LEU B 230 2.19 -13.16 23.43
N VAL B 231 2.30 -14.43 23.83
CA VAL B 231 3.42 -14.92 24.60
C VAL B 231 4.04 -16.10 23.87
N ARG B 232 5.24 -16.47 24.30
CA ARG B 232 5.93 -17.63 23.75
C ARG B 232 6.39 -18.56 24.86
#